data_5IDP
#
_entry.id   5IDP
#
_cell.length_a   71.113
_cell.length_b   71.093
_cell.length_c   172.335
_cell.angle_alpha   90.00
_cell.angle_beta   90.00
_cell.angle_gamma   90.00
#
_symmetry.space_group_name_H-M   'P 21 21 21'
#
loop_
_entity.id
_entity.type
_entity.pdbx_description
1 polymer 'Cyclin-dependent kinase 8'
2 polymer Cyclin-C
3 non-polymer (3-amino-1H-indazol-5-yl)[(2S)-2-(4-fluorophenyl)piperidin-1-yl]methanone
4 non-polymer 'FORMIC ACID'
5 water water
#
loop_
_entity_poly.entity_id
_entity_poly.type
_entity_poly.pdbx_seq_one_letter_code
_entity_poly.pdbx_strand_id
1 'polypeptide(L)'
;DKMDYDFKVKLSSERERVEDLFEYEGCKVGRGTYGHVYKAKRKDGKDDKDYALKQIEGTGISMSACREIALLRELKHPNV
ISLQKVFLSHADRKVWLLFDYAEHDLWHIIKFHRASKANKKPVQLPRGMVKSLLYQILDGIHYLHANWVLHRDLKPANIL
VMGEGPERGRVKIADMGFARLFNSPLKPLADLDPVVVTFWYRAPELLLGARHYTKAIDIWAIGCIFAELLTSEPIFHCRQ
EDIKTSNPYHHDQLDRIFNVMGFPADKDWEDIKKMPEHSTLMKDFRRNTYTNCSLIKYMEKHKVKPDSKAFHLLQKLLTM
DPIKRITSEQAMQDPYFLEDPLPTSDVFAGCQIPYPKREFLTEEEPPLKK
;
A
2 'polypeptide(L)'
;DDKAMAGNFWQSSHYLQWILDKQDLLKERQKDLKFLSEEEYWKLQIFFTNVIQALGEHLKLRQQVIATATVYFKRFYARY
SLKSIDPVLMAPTCVFLASKVEEFGVVSNTRLIAAATSVLKTRFSYAFPKEFPYRMNHILECEFYLLELMDCCLIVYHPY
RPLLQYVQDMGQEDMLLPLAWRIVNDTYRTDLCLLYPPFMIALACLHVACVVQQKDARQWFAELSVDMEKILEIIRVILK
LYEQWKNFDERKEMATILSKMPKPKPPP
;
B
#
loop_
_chem_comp.id
_chem_comp.type
_chem_comp.name
_chem_comp.formula
6A6 non-polymer (3-amino-1H-indazol-5-yl)[(2S)-2-(4-fluorophenyl)piperidin-1-yl]methanone 'C19 H19 F N4 O'
FMT non-polymer 'FORMIC ACID' 'C H2 O2'
#
# COMPACT_ATOMS: atom_id res chain seq x y z
N LYS A 2 21.11 -5.33 -23.75
CA LYS A 2 22.09 -4.21 -23.49
C LYS A 2 22.58 -4.02 -22.03
N MET A 3 22.16 -4.87 -21.10
CA MET A 3 22.67 -4.85 -19.73
C MET A 3 24.08 -5.44 -19.69
N ASP A 4 24.80 -5.12 -18.63
CA ASP A 4 26.13 -5.67 -18.41
C ASP A 4 26.03 -7.18 -18.16
N TYR A 5 26.88 -7.94 -18.85
CA TYR A 5 26.84 -9.41 -18.79
C TYR A 5 27.22 -9.95 -17.42
N ASP A 6 28.33 -9.43 -16.86
CA ASP A 6 28.85 -9.87 -15.56
C ASP A 6 27.83 -9.66 -14.45
N PHE A 7 27.23 -8.46 -14.44
CA PHE A 7 26.09 -8.09 -13.59
C PHE A 7 24.89 -9.04 -13.71
N LYS A 8 24.54 -9.38 -14.96
CA LYS A 8 23.40 -10.25 -15.25
C LYS A 8 23.59 -11.70 -14.79
N VAL A 9 24.75 -12.30 -15.11
CA VAL A 9 25.04 -13.68 -14.65
C VAL A 9 25.21 -13.81 -13.14
N LYS A 10 25.80 -12.79 -12.50
CA LYS A 10 26.04 -12.79 -11.06
C LYS A 10 24.72 -12.79 -10.29
N LEU A 11 23.79 -11.93 -10.71
CA LEU A 11 22.44 -11.88 -10.13
C LEU A 11 21.63 -13.15 -10.39
N SER A 12 21.80 -13.73 -11.57
CA SER A 12 21.16 -15.01 -11.91
C SER A 12 21.67 -16.16 -11.06
N SER A 13 22.99 -16.22 -10.85
CA SER A 13 23.61 -17.17 -9.93
C SER A 13 23.06 -17.07 -8.51
N GLU A 14 22.91 -15.84 -8.02
CA GLU A 14 22.54 -15.57 -6.62
C GLU A 14 21.04 -15.59 -6.34
N ARG A 15 20.21 -15.48 -7.38
CA ARG A 15 18.77 -15.29 -7.20
C ARG A 15 18.07 -16.54 -6.68
N GLU A 16 17.46 -16.42 -5.50
CA GLU A 16 16.70 -17.51 -4.90
C GLU A 16 15.42 -17.77 -5.70
N ARG A 17 15.30 -18.99 -6.22
CA ARG A 17 14.12 -19.43 -6.97
C ARG A 17 13.17 -20.20 -6.06
N VAL A 18 11.87 -19.95 -6.20
CA VAL A 18 10.84 -20.56 -5.35
C VAL A 18 10.82 -22.11 -5.40
N GLU A 19 10.98 -22.67 -6.60
CA GLU A 19 10.96 -24.14 -6.78
C GLU A 19 12.12 -24.87 -6.08
N ASP A 20 13.27 -24.21 -5.98
CA ASP A 20 14.44 -24.72 -5.26
C ASP A 20 14.27 -24.68 -3.74
N LEU A 21 13.70 -23.59 -3.24
CA LEU A 21 13.55 -23.39 -1.78
C LEU A 21 12.38 -24.14 -1.15
N PHE A 22 11.28 -24.29 -1.88
CA PHE A 22 10.03 -24.79 -1.32
C PHE A 22 9.42 -25.99 -2.04
N GLU A 23 8.92 -26.94 -1.26
CA GLU A 23 8.17 -28.10 -1.75
C GLU A 23 6.68 -27.76 -1.64
N TYR A 24 6.00 -27.70 -2.78
CA TYR A 24 4.57 -27.34 -2.83
C TYR A 24 3.71 -28.01 -3.93
N GLU A 25 4.27 -28.91 -4.73
CA GLU A 25 3.53 -29.55 -5.82
C GLU A 25 2.48 -30.52 -5.27
N GLY A 26 1.24 -30.36 -5.74
CA GLY A 26 0.10 -31.13 -5.24
C GLY A 26 -0.51 -30.61 -3.94
N CYS A 27 0.01 -29.49 -3.43
CA CYS A 27 -0.35 -28.95 -2.13
C CYS A 27 -1.12 -27.64 -2.24
N LYS A 28 -1.95 -27.52 -3.27
CA LYS A 28 -2.74 -26.30 -3.52
C LYS A 28 -3.95 -26.30 -2.57
N VAL A 29 -4.03 -25.26 -1.73
CA VAL A 29 -5.15 -25.10 -0.78
C VAL A 29 -6.15 -24.00 -1.16
N GLY A 30 -5.85 -23.24 -2.21
CA GLY A 30 -6.69 -22.12 -2.64
C GLY A 30 -6.52 -21.80 -4.12
N ARG A 31 -7.60 -21.35 -4.73
CA ARG A 31 -7.61 -20.99 -6.15
C ARG A 31 -8.74 -19.99 -6.41
N GLY A 32 -8.39 -18.81 -6.91
CA GLY A 32 -9.37 -17.78 -7.25
C GLY A 32 -8.84 -16.68 -8.15
N THR A 33 -9.45 -15.50 -8.05
CA THR A 33 -9.04 -14.32 -8.82
C THR A 33 -7.68 -13.81 -8.36
N TYR A 34 -7.47 -13.83 -7.04
CA TYR A 34 -6.15 -13.61 -6.41
C TYR A 34 -4.98 -14.41 -7.03
N GLY A 35 -5.27 -15.64 -7.44
CA GLY A 35 -4.30 -16.50 -8.13
C GLY A 35 -4.35 -17.93 -7.64
N HIS A 36 -3.19 -18.42 -7.19
CA HIS A 36 -3.03 -19.79 -6.70
C HIS A 36 -2.37 -19.68 -5.34
N VAL A 37 -2.90 -20.40 -4.35
CA VAL A 37 -2.30 -20.47 -3.01
C VAL A 37 -1.98 -21.92 -2.67
N TYR A 38 -0.78 -22.15 -2.14
CA TYR A 38 -0.29 -23.47 -1.80
C TYR A 38 0.16 -23.53 -0.33
N LYS A 39 0.03 -24.71 0.27
CA LYS A 39 0.73 -25.01 1.53
C LYS A 39 2.11 -25.54 1.18
N ALA A 40 3.14 -25.00 1.84
CA ALA A 40 4.52 -25.22 1.44
C ALA A 40 5.43 -25.46 2.64
N LYS A 41 6.43 -26.33 2.44
CA LYS A 41 7.50 -26.57 3.42
C LYS A 41 8.85 -26.27 2.77
N ARG A 42 9.84 -25.89 3.59
CA ARG A 42 11.22 -25.69 3.11
C ARG A 42 11.85 -27.03 2.71
N LYS A 43 12.50 -27.04 1.55
CA LYS A 43 13.20 -28.23 1.05
C LYS A 43 14.47 -28.48 1.84
N ASP A 44 15.28 -27.44 1.98
CA ASP A 44 16.43 -27.43 2.89
C ASP A 44 15.91 -27.25 4.32
N GLY A 45 15.93 -28.33 5.09
CA GLY A 45 15.24 -28.40 6.38
C GLY A 45 15.90 -27.66 7.53
N LYS A 46 15.85 -26.33 7.45
CA LYS A 46 16.32 -25.44 8.53
C LYS A 46 15.12 -25.11 9.42
N ASP A 47 14.09 -24.52 8.79
CA ASP A 47 12.80 -24.32 9.42
C ASP A 47 12.01 -25.63 9.33
N ASP A 48 11.01 -25.78 10.20
CA ASP A 48 10.15 -26.98 10.21
C ASP A 48 8.65 -26.65 10.20
N LYS A 49 8.27 -25.50 9.66
CA LYS A 49 6.87 -25.06 9.73
C LYS A 49 6.24 -24.74 8.38
N ASP A 50 4.91 -24.77 8.36
CA ASP A 50 4.12 -24.60 7.15
C ASP A 50 4.10 -23.14 6.69
N TYR A 51 4.19 -22.94 5.38
CA TYR A 51 4.14 -21.62 4.75
C TYR A 51 3.06 -21.57 3.67
N ALA A 52 2.40 -20.42 3.56
CA ALA A 52 1.46 -20.17 2.46
C ALA A 52 2.17 -19.46 1.31
N LEU A 53 2.27 -20.15 0.16
CA LEU A 53 2.83 -19.57 -1.07
C LEU A 53 1.70 -19.13 -2.00
N LYS A 54 1.67 -17.84 -2.32
CA LYS A 54 0.70 -17.27 -3.26
C LYS A 54 1.41 -16.87 -4.55
N GLN A 55 1.09 -17.56 -5.64
CA GLN A 55 1.45 -17.09 -6.98
C GLN A 55 0.35 -16.12 -7.41
N ILE A 56 0.72 -14.89 -7.75
CA ILE A 56 -0.27 -13.88 -8.10
C ILE A 56 -0.80 -14.20 -9.50
N GLU A 57 -2.09 -13.99 -9.68
CA GLU A 57 -2.74 -14.23 -10.98
C GLU A 57 -2.24 -13.20 -11.99
N GLY A 58 -1.94 -13.66 -13.20
CA GLY A 58 -1.46 -12.81 -14.29
C GLY A 58 0.03 -12.93 -14.52
N THR A 59 0.58 -11.90 -15.17
CA THR A 59 2.00 -11.85 -15.54
C THR A 59 2.56 -10.47 -15.22
N GLY A 60 3.85 -10.43 -14.91
CA GLY A 60 4.56 -9.17 -14.66
C GLY A 60 4.12 -8.50 -13.37
N ILE A 61 4.27 -7.17 -13.33
CA ILE A 61 3.86 -6.37 -12.18
C ILE A 61 2.67 -5.52 -12.64
N SER A 62 1.48 -5.93 -12.26
CA SER A 62 0.26 -5.13 -12.48
C SER A 62 0.13 -4.10 -11.38
N MET A 63 -0.86 -3.22 -11.52
CA MET A 63 -1.19 -2.25 -10.47
C MET A 63 -1.54 -2.95 -9.15
N SER A 64 -2.36 -4.00 -9.24
CA SER A 64 -2.76 -4.79 -8.07
C SER A 64 -1.60 -5.50 -7.37
N ALA A 65 -0.70 -6.08 -8.15
CA ALA A 65 0.51 -6.72 -7.62
C ALA A 65 1.45 -5.70 -6.97
N CYS A 66 1.63 -4.56 -7.64
CA CYS A 66 2.48 -3.47 -7.18
C CYS A 66 2.01 -2.87 -5.86
N ARG A 67 0.72 -2.56 -5.77
CA ARG A 67 0.10 -2.06 -4.52
C ARG A 67 0.22 -3.06 -3.37
N GLU A 68 -0.11 -4.32 -3.65
CA GLU A 68 -0.08 -5.37 -2.64
C GLU A 68 1.31 -5.55 -2.04
N ILE A 69 2.32 -5.62 -2.91
CA ILE A 69 3.72 -5.67 -2.49
C ILE A 69 4.11 -4.41 -1.70
N ALA A 70 3.80 -3.25 -2.26
CA ALA A 70 4.12 -1.95 -1.67
C ALA A 70 3.67 -1.82 -0.22
N LEU A 71 2.40 -2.14 0.05
CA LEU A 71 1.81 -1.96 1.39
C LEU A 71 2.17 -3.07 2.36
N LEU A 72 2.11 -4.33 1.91
CA LEU A 72 2.51 -5.46 2.77
C LEU A 72 3.96 -5.41 3.22
N ARG A 73 4.81 -4.79 2.42
CA ARG A 73 6.22 -4.55 2.77
C ARG A 73 6.36 -3.62 3.99
N GLU A 74 5.41 -2.69 4.15
CA GLU A 74 5.39 -1.74 5.27
C GLU A 74 4.57 -2.21 6.48
N LEU A 75 3.40 -2.81 6.24
CA LEU A 75 2.47 -3.18 7.31
C LEU A 75 3.04 -4.25 8.23
N LYS A 76 2.93 -4.03 9.53
CA LYS A 76 3.40 -4.97 10.56
C LYS A 76 2.48 -4.89 11.79
N HIS A 77 1.71 -5.95 12.01
CA HIS A 77 0.77 -6.03 13.14
C HIS A 77 0.35 -7.49 13.36
N PRO A 78 0.29 -7.96 14.64
CA PRO A 78 -0.03 -9.39 14.90
C PRO A 78 -1.33 -9.92 14.28
N ASN A 79 -2.35 -9.07 14.17
CA ASN A 79 -3.63 -9.45 13.53
C ASN A 79 -3.81 -9.17 12.03
N VAL A 80 -2.72 -8.83 11.33
CA VAL A 80 -2.71 -8.72 9.86
C VAL A 80 -1.66 -9.70 9.34
N ILE A 81 -2.00 -10.43 8.27
CA ILE A 81 -1.11 -11.45 7.68
C ILE A 81 0.17 -10.77 7.16
N SER A 82 1.31 -11.40 7.41
CA SER A 82 2.64 -10.80 7.20
C SER A 82 3.35 -11.39 6.00
N LEU A 83 3.78 -10.52 5.07
CA LEU A 83 4.63 -10.90 3.96
C LEU A 83 6.03 -11.22 4.47
N GLN A 84 6.52 -12.41 4.14
CA GLN A 84 7.84 -12.90 4.53
C GLN A 84 8.87 -12.67 3.43
N LYS A 85 8.50 -12.99 2.19
CA LYS A 85 9.39 -12.91 1.04
C LYS A 85 8.62 -12.70 -0.27
N VAL A 86 9.29 -12.06 -1.23
CA VAL A 86 8.79 -11.94 -2.61
C VAL A 86 9.78 -12.64 -3.52
N PHE A 87 9.29 -13.59 -4.32
CA PHE A 87 10.09 -14.24 -5.37
C PHE A 87 9.62 -13.74 -6.72
N LEU A 88 10.54 -13.15 -7.48
CA LEU A 88 10.29 -12.73 -8.85
C LEU A 88 10.94 -13.75 -9.78
N SER A 89 10.10 -14.55 -10.45
CA SER A 89 10.54 -15.54 -11.41
C SER A 89 10.75 -14.85 -12.75
N HIS A 90 12.00 -14.77 -13.18
CA HIS A 90 12.37 -14.02 -14.40
C HIS A 90 11.95 -14.70 -15.70
N ALA A 91 12.02 -16.03 -15.73
CA ALA A 91 11.72 -16.79 -16.96
C ALA A 91 10.27 -16.60 -17.43
N ASP A 92 9.33 -16.91 -16.54
CA ASP A 92 7.87 -16.80 -16.84
C ASP A 92 7.21 -15.49 -16.35
N ARG A 93 7.99 -14.59 -15.74
CA ARG A 93 7.49 -13.29 -15.25
C ARG A 93 6.33 -13.42 -14.25
N LYS A 94 6.44 -14.40 -13.36
CA LYS A 94 5.47 -14.65 -12.28
C LYS A 94 5.98 -14.10 -10.96
N VAL A 95 5.06 -13.55 -10.17
CA VAL A 95 5.34 -13.04 -8.82
C VAL A 95 4.81 -14.05 -7.81
N TRP A 96 5.66 -14.48 -6.89
CA TRP A 96 5.25 -15.31 -5.76
C TRP A 96 5.41 -14.52 -4.47
N LEU A 97 4.51 -14.75 -3.52
CA LEU A 97 4.56 -14.12 -2.19
C LEU A 97 4.52 -15.21 -1.12
N LEU A 98 5.42 -15.10 -0.14
CA LEU A 98 5.51 -16.05 0.96
C LEU A 98 4.91 -15.45 2.24
N PHE A 99 3.96 -16.17 2.84
CA PHE A 99 3.34 -15.82 4.13
C PHE A 99 3.44 -16.99 5.10
N ASP A 100 3.25 -16.71 6.38
CA ASP A 100 3.02 -17.76 7.38
C ASP A 100 1.66 -18.41 7.13
N TYR A 101 1.54 -19.68 7.50
CA TYR A 101 0.38 -20.49 7.14
C TYR A 101 -0.66 -20.50 8.25
N ALA A 102 -1.89 -20.15 7.89
CA ALA A 102 -3.05 -20.26 8.77
C ALA A 102 -3.88 -21.47 8.35
N GLU A 103 -4.04 -22.42 9.26
CA GLU A 103 -4.81 -23.64 9.02
C GLU A 103 -6.31 -23.37 8.88
N HIS A 104 -6.82 -22.39 9.62
CA HIS A 104 -8.26 -22.15 9.70
C HIS A 104 -8.69 -20.76 9.20
N ASP A 105 -10.00 -20.59 9.07
CA ASP A 105 -10.62 -19.30 8.77
C ASP A 105 -12.08 -19.33 9.19
N LEU A 106 -12.69 -18.14 9.29
CA LEU A 106 -14.05 -18.01 9.81
C LEU A 106 -15.14 -18.66 8.94
N TRP A 107 -14.93 -18.71 7.62
CA TRP A 107 -15.87 -19.36 6.70
C TRP A 107 -16.07 -20.83 7.06
N HIS A 108 -14.96 -21.54 7.28
CA HIS A 108 -14.99 -22.96 7.62
C HIS A 108 -15.44 -23.20 9.05
N ILE A 109 -14.97 -22.38 9.98
CA ILE A 109 -15.37 -22.44 11.39
C ILE A 109 -16.87 -22.27 11.54
N ILE A 110 -17.43 -21.26 10.88
CA ILE A 110 -18.87 -20.99 10.92
C ILE A 110 -19.67 -22.12 10.25
N LYS A 111 -19.22 -22.59 9.08
CA LYS A 111 -19.83 -23.75 8.41
C LYS A 111 -19.85 -25.03 9.26
N PHE A 112 -18.80 -25.23 10.05
CA PHE A 112 -18.68 -26.40 10.93
C PHE A 112 -19.73 -26.40 12.05
N HIS A 113 -19.97 -25.21 12.62
CA HIS A 113 -21.02 -25.01 13.62
C HIS A 113 -22.41 -25.10 13.02
N ARG A 114 -22.60 -24.39 11.90
CA ARG A 114 -23.86 -24.43 11.14
C ARG A 114 -24.23 -25.84 10.67
N ALA A 115 -23.22 -26.66 10.36
CA ALA A 115 -23.42 -28.08 10.06
C ALA A 115 -23.89 -28.87 11.29
N SER A 116 -23.31 -28.55 12.45
CA SER A 116 -23.72 -29.13 13.74
C SER A 116 -25.11 -28.67 14.17
N LYS A 117 -25.74 -29.42 15.05
CA LYS A 117 -27.12 -29.17 15.50
C LYS A 117 -27.25 -29.49 17.02
N VAL A 123 -22.55 -24.77 19.25
CA VAL A 123 -22.41 -23.45 18.64
C VAL A 123 -21.42 -22.56 19.39
N GLN A 124 -20.19 -22.48 18.86
CA GLN A 124 -19.13 -21.59 19.36
C GLN A 124 -18.64 -22.05 20.74
N LEU A 125 -18.21 -23.31 20.77
CA LEU A 125 -18.13 -24.13 22.00
C LEU A 125 -17.26 -23.59 23.15
N PRO A 126 -16.08 -22.99 22.84
CA PRO A 126 -15.36 -22.27 23.90
C PRO A 126 -16.04 -20.94 24.22
N ARG A 127 -16.28 -20.68 25.49
CA ARG A 127 -16.91 -19.43 25.94
C ARG A 127 -15.95 -18.26 25.74
N GLY A 128 -16.43 -17.20 25.09
CA GLY A 128 -15.59 -16.04 24.78
C GLY A 128 -14.71 -16.16 23.54
N MET A 129 -14.99 -17.14 22.70
CA MET A 129 -14.34 -17.27 21.38
C MET A 129 -14.85 -16.19 20.45
N VAL A 130 -16.17 -15.98 20.47
CA VAL A 130 -16.83 -14.96 19.64
C VAL A 130 -16.29 -13.56 19.98
N LYS A 131 -16.18 -13.27 21.26
CA LYS A 131 -15.67 -11.98 21.75
C LYS A 131 -14.20 -11.76 21.38
N SER A 132 -13.40 -12.80 21.58
CA SER A 132 -11.97 -12.76 21.25
C SER A 132 -11.70 -12.58 19.76
N LEU A 133 -12.48 -13.27 18.92
CA LEU A 133 -12.41 -13.09 17.46
C LEU A 133 -12.72 -11.65 17.06
N LEU A 134 -13.86 -11.15 17.53
CA LEU A 134 -14.28 -9.78 17.26
C LEU A 134 -13.22 -8.73 17.63
N TYR A 135 -12.58 -8.92 18.80
CA TYR A 135 -11.61 -7.95 19.30
C TYR A 135 -10.38 -7.87 18.40
N GLN A 136 -9.85 -9.03 18.05
CA GLN A 136 -8.68 -9.13 17.17
C GLN A 136 -8.97 -8.66 15.74
N ILE A 137 -10.18 -8.91 15.24
CA ILE A 137 -10.62 -8.35 13.97
C ILE A 137 -10.59 -6.83 14.06
N LEU A 138 -11.19 -6.30 15.12
CA LEU A 138 -11.20 -4.85 15.37
C LEU A 138 -9.80 -4.25 15.53
N ASP A 139 -8.89 -4.99 16.17
CA ASP A 139 -7.51 -4.54 16.37
C ASP A 139 -6.73 -4.44 15.04
N GLY A 140 -6.93 -5.43 14.17
CA GLY A 140 -6.27 -5.46 12.87
C GLY A 140 -6.75 -4.36 11.95
N ILE A 141 -8.06 -4.18 11.88
CA ILE A 141 -8.69 -3.15 11.05
C ILE A 141 -8.34 -1.74 11.55
N HIS A 142 -8.32 -1.56 12.87
CA HIS A 142 -7.85 -0.30 13.48
C HIS A 142 -6.41 0.07 13.09
N TYR A 143 -5.54 -0.92 13.05
CA TYR A 143 -4.16 -0.73 12.59
C TYR A 143 -4.11 -0.27 11.13
N LEU A 144 -4.93 -0.90 10.28
CA LEU A 144 -4.99 -0.54 8.87
C LEU A 144 -5.55 0.85 8.68
N HIS A 145 -6.71 1.09 9.30
CA HIS A 145 -7.39 2.39 9.28
C HIS A 145 -6.55 3.56 9.82
N ALA A 146 -5.72 3.29 10.83
CA ALA A 146 -4.82 4.31 11.39
C ALA A 146 -3.77 4.73 10.37
N ASN A 147 -3.32 3.76 9.57
CA ASN A 147 -2.41 3.98 8.44
C ASN A 147 -3.10 4.35 7.11
N TRP A 148 -4.38 4.73 7.17
CA TRP A 148 -5.21 5.04 5.99
C TRP A 148 -5.22 3.94 4.92
N VAL A 149 -5.26 2.69 5.37
CA VAL A 149 -5.45 1.52 4.50
C VAL A 149 -6.86 0.98 4.76
N LEU A 150 -7.65 0.88 3.71
CA LEU A 150 -8.96 0.22 3.76
C LEU A 150 -8.83 -1.23 3.28
N HIS A 151 -9.65 -2.12 3.85
CA HIS A 151 -9.69 -3.52 3.39
C HIS A 151 -10.54 -3.63 2.13
N ARG A 152 -11.78 -3.15 2.21
CA ARG A 152 -12.70 -3.00 1.07
C ARG A 152 -13.41 -4.27 0.58
N ASP A 153 -13.15 -5.40 1.23
CA ASP A 153 -13.81 -6.66 0.92
C ASP A 153 -13.77 -7.64 2.08
N LEU A 154 -14.08 -7.16 3.27
CA LEU A 154 -14.11 -8.01 4.45
C LEU A 154 -15.27 -8.99 4.45
N LYS A 155 -14.95 -10.22 4.82
CA LYS A 155 -15.92 -11.32 4.89
C LYS A 155 -15.25 -12.49 5.63
N PRO A 156 -16.05 -13.46 6.15
CA PRO A 156 -15.47 -14.59 6.90
C PRO A 156 -14.35 -15.36 6.20
N ALA A 157 -14.44 -15.51 4.87
CA ALA A 157 -13.43 -16.22 4.08
C ALA A 157 -12.02 -15.65 4.16
N ASN A 158 -11.88 -14.34 4.35
CA ASN A 158 -10.55 -13.70 4.42
C ASN A 158 -10.14 -13.23 5.83
N ILE A 159 -10.88 -13.67 6.84
CA ILE A 159 -10.45 -13.64 8.25
C ILE A 159 -9.87 -15.01 8.58
N LEU A 160 -8.54 -15.11 8.56
CA LEU A 160 -7.84 -16.35 8.85
C LEU A 160 -7.63 -16.49 10.35
N VAL A 161 -7.37 -17.71 10.79
CA VAL A 161 -7.08 -18.03 12.20
C VAL A 161 -5.98 -19.07 12.21
N MET A 162 -4.97 -18.84 13.05
CA MET A 162 -3.80 -19.70 13.12
C MET A 162 -4.10 -20.97 13.90
N GLY A 163 -3.54 -22.08 13.44
CA GLY A 163 -3.72 -23.38 14.07
C GLY A 163 -2.63 -23.65 15.10
N GLU A 164 -2.36 -24.92 15.34
CA GLU A 164 -1.34 -25.34 16.31
C GLU A 164 0.03 -24.79 15.91
N GLY A 165 0.76 -24.29 16.92
CA GLY A 165 2.02 -23.56 16.72
C GLY A 165 2.11 -22.44 17.74
N PRO A 166 3.18 -21.62 17.67
CA PRO A 166 3.36 -20.52 18.64
C PRO A 166 2.31 -19.38 18.58
N GLU A 167 1.63 -19.24 17.45
CA GLU A 167 0.57 -18.22 17.29
C GLU A 167 -0.84 -18.82 17.35
N ARG A 168 -1.01 -19.87 18.16
CA ARG A 168 -2.28 -20.62 18.26
C ARG A 168 -3.50 -19.73 18.49
N GLY A 169 -4.48 -19.87 17.62
CA GLY A 169 -5.75 -19.13 17.72
C GLY A 169 -5.66 -17.62 17.65
N ARG A 170 -4.74 -17.12 16.84
CA ARG A 170 -4.63 -15.68 16.57
C ARG A 170 -5.26 -15.37 15.22
N VAL A 171 -6.05 -14.30 15.18
CA VAL A 171 -6.68 -13.84 13.94
C VAL A 171 -5.62 -13.19 13.04
N LYS A 172 -5.68 -13.51 11.74
CA LYS A 172 -4.84 -12.91 10.73
C LYS A 172 -5.72 -12.43 9.57
N ILE A 173 -5.94 -11.12 9.49
CA ILE A 173 -6.69 -10.54 8.39
C ILE A 173 -5.87 -10.66 7.09
N ALA A 174 -6.54 -11.08 6.03
CA ALA A 174 -5.90 -11.31 4.72
C ALA A 174 -6.76 -10.76 3.59
N ASP A 175 -6.21 -10.76 2.38
CA ASP A 175 -6.91 -10.37 1.13
C ASP A 175 -7.45 -8.94 1.14
N MET A 176 -6.63 -8.00 1.59
CA MET A 176 -6.95 -6.59 1.50
C MET A 176 -7.09 -6.24 0.01
N GLY A 177 -8.17 -5.53 -0.32
CA GLY A 177 -8.39 -5.04 -1.69
C GLY A 177 -7.49 -3.86 -1.94
N PHE A 178 -6.23 -4.16 -2.25
CA PHE A 178 -5.18 -3.13 -2.33
C PHE A 178 -5.30 -2.21 -3.56
N ALA A 179 -5.89 -2.73 -4.64
CA ALA A 179 -6.08 -1.95 -5.87
C ALA A 179 -7.56 -1.82 -6.25
N ARG A 180 -8.04 -0.58 -6.21
CA ARG A 180 -9.35 -0.21 -6.75
C ARG A 180 -9.15 1.10 -7.49
N LEU A 181 -9.56 1.15 -8.76
CA LEU A 181 -9.38 2.35 -9.60
C LEU A 181 -10.10 3.56 -9.01
N PHE A 182 -9.32 4.59 -8.68
CA PHE A 182 -9.80 5.85 -8.06
C PHE A 182 -10.52 5.65 -6.71
N ASN A 183 -10.15 4.58 -6.00
CA ASN A 183 -10.79 4.18 -4.74
C ASN A 183 -12.31 3.94 -4.90
N SER A 184 -12.72 3.44 -6.08
CA SER A 184 -14.13 3.42 -6.48
C SER A 184 -14.77 2.01 -6.56
N PRO A 185 -15.92 1.80 -5.88
CA PRO A 185 -16.65 0.52 -6.03
C PRO A 185 -17.40 0.40 -7.36
N LEU A 186 -17.61 1.52 -8.05
CA LEU A 186 -18.31 1.56 -9.34
C LEU A 186 -17.50 1.07 -10.56
N LYS A 187 -16.21 0.80 -10.35
CA LYS A 187 -15.32 0.30 -11.42
C LYS A 187 -14.70 -1.04 -11.02
N THR A 198 -21.04 -12.56 -3.66
CA THR A 198 -22.21 -12.15 -2.88
C THR A 198 -22.15 -10.69 -2.46
N PHE A 199 -23.30 -10.16 -2.05
CA PHE A 199 -23.43 -8.79 -1.54
C PHE A 199 -23.82 -8.75 -0.05
N TRP A 200 -23.63 -9.86 0.65
CA TRP A 200 -24.15 -10.03 2.02
C TRP A 200 -23.47 -9.16 3.07
N TYR A 201 -22.24 -8.72 2.78
CA TYR A 201 -21.43 -7.93 3.73
C TYR A 201 -21.23 -6.49 3.26
N ARG A 202 -21.98 -6.07 2.23
CA ARG A 202 -21.88 -4.73 1.66
C ARG A 202 -22.82 -3.75 2.33
N ALA A 203 -22.25 -2.64 2.83
CA ALA A 203 -23.01 -1.58 3.52
C ALA A 203 -24.09 -0.95 2.63
N PRO A 204 -25.20 -0.47 3.22
CA PRO A 204 -26.30 0.06 2.40
C PRO A 204 -25.91 1.20 1.45
N GLU A 205 -24.99 2.07 1.87
CA GLU A 205 -24.49 3.16 1.02
C GLU A 205 -23.85 2.69 -0.30
N LEU A 206 -23.15 1.56 -0.27
CA LEU A 206 -22.61 0.94 -1.48
C LEU A 206 -23.69 0.45 -2.43
N LEU A 207 -24.78 -0.09 -1.88
CA LEU A 207 -25.93 -0.51 -2.67
C LEU A 207 -26.71 0.68 -3.24
N LEU A 208 -26.74 1.80 -2.50
CA LEU A 208 -27.38 3.04 -2.98
C LEU A 208 -26.47 3.93 -3.86
N GLY A 209 -25.25 3.46 -4.14
CA GLY A 209 -24.40 4.02 -5.19
C GLY A 209 -23.25 4.90 -4.75
N ALA A 210 -22.69 4.63 -3.57
CA ALA A 210 -21.57 5.41 -3.03
C ALA A 210 -20.36 5.31 -3.97
N ARG A 211 -19.81 6.47 -4.30
CA ARG A 211 -18.70 6.57 -5.26
C ARG A 211 -17.34 6.15 -4.72
N HIS A 212 -17.17 6.12 -3.39
CA HIS A 212 -15.87 5.79 -2.78
C HIS A 212 -15.97 4.81 -1.61
N TYR A 213 -14.90 4.03 -1.41
CA TYR A 213 -14.75 3.20 -0.23
C TYR A 213 -14.32 4.06 0.94
N THR A 214 -14.75 3.67 2.13
CA THR A 214 -14.55 4.42 3.36
C THR A 214 -14.22 3.47 4.52
N LYS A 215 -13.78 4.05 5.63
CA LYS A 215 -13.55 3.27 6.86
C LYS A 215 -14.87 2.67 7.33
N ALA A 216 -15.91 3.49 7.38
CA ALA A 216 -17.27 3.05 7.77
C ALA A 216 -17.78 1.81 7.01
N ILE A 217 -17.40 1.65 5.75
CA ILE A 217 -17.79 0.48 4.94
C ILE A 217 -17.16 -0.81 5.47
N ASP A 218 -15.90 -0.75 5.91
CA ASP A 218 -15.23 -1.88 6.59
C ASP A 218 -15.91 -2.25 7.92
N ILE A 219 -16.45 -1.26 8.63
CA ILE A 219 -17.06 -1.48 9.95
C ILE A 219 -18.40 -2.19 9.82
N TRP A 220 -19.22 -1.80 8.85
CA TRP A 220 -20.48 -2.51 8.56
C TRP A 220 -20.21 -4.00 8.35
N ALA A 221 -19.14 -4.32 7.63
CA ALA A 221 -18.78 -5.70 7.33
C ALA A 221 -18.41 -6.49 8.59
N ILE A 222 -17.68 -5.85 9.50
CA ILE A 222 -17.36 -6.44 10.82
C ILE A 222 -18.64 -6.71 11.63
N GLY A 223 -19.60 -5.78 11.56
CA GLY A 223 -20.92 -5.97 12.19
C GLY A 223 -21.66 -7.19 11.67
N CYS A 224 -21.64 -7.38 10.34
CA CYS A 224 -22.24 -8.56 9.70
C CYS A 224 -21.55 -9.86 10.15
N ILE A 225 -20.22 -9.83 10.22
CA ILE A 225 -19.44 -10.96 10.70
C ILE A 225 -19.74 -11.27 12.17
N PHE A 226 -19.91 -10.22 12.98
CA PHE A 226 -20.26 -10.37 14.39
C PHE A 226 -21.65 -10.99 14.58
N ALA A 227 -22.64 -10.55 13.78
CA ALA A 227 -23.97 -11.18 13.80
C ALA A 227 -23.91 -12.67 13.40
N GLU A 228 -23.05 -12.97 12.44
CA GLU A 228 -22.88 -14.34 11.94
C GLU A 228 -22.17 -15.25 12.96
N LEU A 229 -21.22 -14.71 13.71
CA LEU A 229 -20.56 -15.44 14.80
C LEU A 229 -21.50 -15.81 15.95
N LEU A 230 -22.41 -14.91 16.31
CA LEU A 230 -23.38 -15.14 17.38
C LEU A 230 -24.45 -16.16 17.01
N THR A 231 -24.98 -16.05 15.80
CA THR A 231 -26.12 -16.85 15.32
C THR A 231 -25.76 -18.07 14.47
N SER A 232 -24.59 -18.03 13.82
CA SER A 232 -24.13 -19.04 12.84
C SER A 232 -24.75 -18.91 11.43
N GLU A 233 -25.47 -17.81 11.19
CA GLU A 233 -26.14 -17.57 9.90
C GLU A 233 -25.84 -16.15 9.42
N PRO A 234 -25.65 -15.96 8.09
CA PRO A 234 -25.41 -14.59 7.62
C PRO A 234 -26.64 -13.71 7.83
N ILE A 235 -26.48 -12.64 8.61
CA ILE A 235 -27.60 -11.75 8.95
C ILE A 235 -28.35 -11.23 7.72
N PHE A 236 -27.63 -10.84 6.68
CA PHE A 236 -28.21 -10.31 5.45
C PHE A 236 -28.06 -11.31 4.29
N HIS A 237 -28.44 -12.57 4.55
CA HIS A 237 -28.42 -13.63 3.56
C HIS A 237 -29.48 -13.39 2.49
N CYS A 238 -29.10 -13.66 1.25
CA CYS A 238 -29.91 -13.30 0.08
C CYS A 238 -29.49 -14.15 -1.11
N ARG A 239 -30.44 -14.46 -1.98
CA ARG A 239 -30.15 -15.26 -3.18
C ARG A 239 -29.23 -14.52 -4.15
N GLN A 240 -28.44 -15.30 -4.90
CA GLN A 240 -27.61 -14.79 -5.99
C GLN A 240 -28.50 -14.33 -7.16
N GLU A 241 -28.86 -13.05 -7.14
CA GLU A 241 -29.72 -12.44 -8.16
C GLU A 241 -28.88 -11.96 -9.36
N THR A 245 -23.21 -6.63 -11.53
CA THR A 245 -24.16 -6.48 -12.63
C THR A 245 -23.96 -5.20 -13.48
N SER A 246 -22.78 -4.58 -13.41
CA SER A 246 -22.52 -3.26 -14.00
C SER A 246 -23.34 -2.12 -13.35
N ASN A 247 -23.96 -2.41 -12.20
CA ASN A 247 -24.66 -1.42 -11.39
C ASN A 247 -24.54 -1.78 -9.90
N PRO A 248 -24.46 -0.76 -9.03
CA PRO A 248 -24.39 -0.96 -7.58
C PRO A 248 -25.73 -1.37 -6.95
N TYR A 249 -26.83 -0.82 -7.47
CA TYR A 249 -28.16 -1.05 -6.93
C TYR A 249 -28.62 -2.51 -7.03
N HIS A 250 -28.89 -3.10 -5.87
CA HIS A 250 -29.32 -4.50 -5.76
C HIS A 250 -30.56 -4.60 -4.88
N HIS A 251 -31.72 -4.75 -5.53
CA HIS A 251 -33.03 -4.67 -4.87
C HIS A 251 -33.22 -5.72 -3.77
N ASP A 252 -32.98 -6.98 -4.11
CA ASP A 252 -33.16 -8.09 -3.17
C ASP A 252 -32.22 -8.07 -1.96
N GLN A 253 -31.02 -7.53 -2.14
CA GLN A 253 -30.09 -7.35 -1.03
C GLN A 253 -30.59 -6.26 -0.06
N LEU A 254 -31.07 -5.15 -0.62
CA LEU A 254 -31.67 -4.08 0.17
C LEU A 254 -32.94 -4.54 0.90
N ASP A 255 -33.80 -5.27 0.20
CA ASP A 255 -35.01 -5.85 0.78
C ASP A 255 -34.72 -6.68 2.03
N ARG A 256 -33.64 -7.46 1.97
CA ARG A 256 -33.20 -8.27 3.11
C ARG A 256 -32.65 -7.44 4.27
N ILE A 257 -31.92 -6.37 3.98
CA ILE A 257 -31.46 -5.44 5.02
C ILE A 257 -32.64 -4.80 5.75
N PHE A 258 -33.67 -4.39 5.00
CA PHE A 258 -34.87 -3.77 5.61
C PHE A 258 -35.71 -4.79 6.39
N ASN A 259 -35.80 -6.02 5.92
CA ASN A 259 -36.50 -7.09 6.65
C ASN A 259 -35.89 -7.40 8.02
N VAL A 260 -34.57 -7.21 8.12
CA VAL A 260 -33.86 -7.36 9.38
C VAL A 260 -33.88 -6.05 10.18
N MET A 261 -33.39 -4.97 9.59
CA MET A 261 -33.19 -3.69 10.29
C MET A 261 -34.44 -2.80 10.45
N GLY A 262 -35.39 -2.94 9.54
CA GLY A 262 -36.46 -1.95 9.33
C GLY A 262 -36.04 -0.95 8.28
N PHE A 263 -36.97 -0.08 7.88
CA PHE A 263 -36.70 0.98 6.90
C PHE A 263 -36.30 2.24 7.67
N PRO A 264 -35.18 2.89 7.28
CA PRO A 264 -34.69 4.02 8.07
C PRO A 264 -35.60 5.25 7.98
N ALA A 265 -35.84 5.88 9.12
CA ALA A 265 -36.56 7.16 9.15
C ALA A 265 -35.66 8.26 8.60
N ASP A 266 -36.27 9.39 8.22
CA ASP A 266 -35.53 10.56 7.74
C ASP A 266 -34.46 10.97 8.75
N LYS A 267 -34.87 11.11 10.02
CA LYS A 267 -33.97 11.46 11.13
C LYS A 267 -32.82 10.47 11.36
N ASP A 268 -33.03 9.19 11.08
CA ASP A 268 -31.98 8.16 11.18
C ASP A 268 -30.85 8.31 10.16
N TRP A 269 -31.17 8.81 8.96
CA TRP A 269 -30.18 8.96 7.88
C TRP A 269 -30.54 10.14 6.97
N GLU A 270 -30.26 11.36 7.45
CA GLU A 270 -30.65 12.60 6.76
C GLU A 270 -30.05 12.73 5.35
N ASP A 271 -28.77 12.38 5.22
CA ASP A 271 -28.06 12.44 3.93
C ASP A 271 -28.36 11.30 2.93
N ILE A 272 -29.35 10.45 3.23
CA ILE A 272 -29.83 9.44 2.26
C ILE A 272 -30.31 10.07 0.94
N LYS A 273 -30.92 11.25 1.03
CA LYS A 273 -31.37 12.01 -0.15
C LYS A 273 -30.24 12.30 -1.15
N LYS A 274 -29.04 12.55 -0.63
CA LYS A 274 -27.85 12.82 -1.45
C LYS A 274 -27.27 11.61 -2.20
N MET A 275 -27.70 10.39 -1.85
CA MET A 275 -27.23 9.16 -2.51
C MET A 275 -27.80 9.04 -3.93
N PRO A 276 -26.98 8.64 -4.93
CA PRO A 276 -27.43 8.61 -6.33
C PRO A 276 -28.68 7.77 -6.64
N GLU A 277 -28.87 6.66 -5.91
CA GLU A 277 -30.01 5.75 -6.13
C GLU A 277 -31.22 5.96 -5.19
N HIS A 278 -31.28 7.12 -4.50
CA HIS A 278 -32.39 7.40 -3.59
C HIS A 278 -33.74 7.44 -4.30
N SER A 279 -33.81 8.08 -5.47
CA SER A 279 -35.06 8.13 -6.24
C SER A 279 -35.51 6.75 -6.77
N THR A 280 -34.54 5.86 -6.98
CA THR A 280 -34.82 4.46 -7.31
C THR A 280 -35.29 3.66 -6.07
N LEU A 281 -34.73 3.98 -4.90
CA LEU A 281 -35.19 3.41 -3.62
C LEU A 281 -36.66 3.75 -3.34
N MET A 282 -37.01 5.04 -3.44
CA MET A 282 -38.37 5.53 -3.21
C MET A 282 -39.36 4.91 -4.21
N LYS A 283 -38.93 4.81 -5.47
CA LYS A 283 -39.72 4.16 -6.52
C LYS A 283 -40.05 2.70 -6.23
N ASP A 284 -39.08 1.97 -5.68
CA ASP A 284 -39.19 0.52 -5.47
C ASP A 284 -39.76 0.13 -4.11
N PHE A 285 -39.46 0.89 -3.08
CA PHE A 285 -39.78 0.50 -1.69
C PHE A 285 -40.81 1.41 -1.04
N ARG A 286 -41.63 0.77 -0.23
CA ARG A 286 -42.62 1.42 0.62
C ARG A 286 -42.26 1.05 2.05
N ARG A 287 -42.19 2.07 2.91
CA ARG A 287 -41.77 1.93 4.31
C ARG A 287 -42.75 1.10 5.16
N ASN A 288 -44.05 1.31 4.93
CA ASN A 288 -45.11 0.51 5.57
C ASN A 288 -44.88 -1.01 5.53
N THR A 289 -44.20 -1.47 4.48
CA THR A 289 -43.80 -2.88 4.32
C THR A 289 -43.00 -3.46 5.51
N TYR A 290 -42.09 -2.66 6.06
CA TYR A 290 -41.16 -3.11 7.11
C TYR A 290 -41.48 -2.57 8.50
N THR A 291 -42.76 -2.22 8.74
CA THR A 291 -43.17 -1.54 9.98
C THR A 291 -42.93 -2.40 11.24
N ASN A 292 -43.04 -3.72 11.11
CA ASN A 292 -42.78 -4.65 12.23
C ASN A 292 -41.39 -5.31 12.19
N CYS A 293 -40.43 -4.68 11.51
CA CYS A 293 -39.06 -5.20 11.39
C CYS A 293 -38.05 -4.36 12.18
N SER A 294 -37.18 -5.03 12.93
CA SER A 294 -36.10 -4.38 13.69
C SER A 294 -35.02 -5.38 14.06
N LEU A 295 -33.81 -4.88 14.33
CA LEU A 295 -32.67 -5.72 14.76
C LEU A 295 -32.94 -6.45 16.07
N ILE A 296 -33.63 -5.77 17.00
CA ILE A 296 -34.08 -6.35 18.27
C ILE A 296 -34.89 -7.63 18.02
N LYS A 297 -35.93 -7.52 17.20
CA LYS A 297 -36.81 -8.66 16.89
C LYS A 297 -36.06 -9.79 16.19
N TYR A 298 -35.14 -9.43 15.28
CA TYR A 298 -34.35 -10.43 14.55
C TYR A 298 -33.43 -11.24 15.48
N MET A 299 -32.63 -10.54 16.27
CA MET A 299 -31.67 -11.19 17.18
C MET A 299 -32.35 -11.99 18.31
N GLU A 300 -33.50 -11.53 18.80
CA GLU A 300 -34.33 -12.29 19.76
C GLU A 300 -34.74 -13.67 19.22
N LYS A 301 -35.13 -13.73 17.94
CA LYS A 301 -35.47 -15.00 17.26
C LYS A 301 -34.30 -16.00 17.21
N HIS A 302 -33.08 -15.48 17.15
CA HIS A 302 -31.85 -16.28 17.18
C HIS A 302 -31.18 -16.36 18.57
N LYS A 303 -31.98 -16.24 19.63
CA LYS A 303 -31.55 -16.44 21.03
C LYS A 303 -30.37 -15.55 21.44
N VAL A 304 -30.51 -14.25 21.18
CA VAL A 304 -29.57 -13.22 21.62
C VAL A 304 -30.38 -12.10 22.28
N LYS A 305 -30.04 -11.79 23.53
CA LYS A 305 -30.82 -10.87 24.35
C LYS A 305 -30.57 -9.41 23.95
N PRO A 306 -31.63 -8.61 23.76
CA PRO A 306 -31.44 -7.20 23.39
C PRO A 306 -30.81 -6.34 24.50
N ASP A 307 -30.98 -6.76 25.75
CA ASP A 307 -30.36 -6.09 26.90
C ASP A 307 -28.85 -6.37 27.05
N SER A 308 -28.30 -7.31 26.29
CA SER A 308 -26.88 -7.68 26.42
C SER A 308 -25.95 -6.64 25.80
N LYS A 309 -24.73 -6.57 26.33
CA LYS A 309 -23.69 -5.66 25.83
C LYS A 309 -23.21 -6.02 24.43
N ALA A 310 -23.23 -7.33 24.12
CA ALA A 310 -23.02 -7.82 22.76
C ALA A 310 -23.98 -7.18 21.77
N PHE A 311 -25.27 -7.16 22.09
CA PHE A 311 -26.27 -6.58 21.18
C PHE A 311 -26.06 -5.08 20.98
N HIS A 312 -25.94 -4.33 22.08
CA HIS A 312 -25.79 -2.88 22.02
C HIS A 312 -24.57 -2.43 21.19
N LEU A 313 -23.49 -3.22 21.22
CA LEU A 313 -22.32 -3.01 20.36
C LEU A 313 -22.60 -3.37 18.89
N LEU A 314 -23.24 -4.51 18.67
CA LEU A 314 -23.67 -4.92 17.33
C LEU A 314 -24.53 -3.86 16.64
N GLN A 315 -25.48 -3.29 17.39
CA GLN A 315 -26.36 -2.24 16.87
C GLN A 315 -25.60 -0.96 16.47
N LYS A 316 -24.52 -0.66 17.18
CA LYS A 316 -23.65 0.47 16.85
C LYS A 316 -22.80 0.21 15.59
N LEU A 317 -22.29 -1.01 15.45
CA LEU A 317 -21.62 -1.46 14.22
C LEU A 317 -22.55 -1.51 12.99
N LEU A 318 -23.77 -2.01 13.16
CA LEU A 318 -24.76 -2.06 12.08
C LEU A 318 -25.72 -0.85 12.10
N THR A 319 -25.14 0.35 12.07
CA THR A 319 -25.91 1.58 11.91
C THR A 319 -25.96 1.85 10.42
N MET A 320 -27.14 2.21 9.93
CA MET A 320 -27.35 2.36 8.49
C MET A 320 -26.70 3.62 7.92
N ASP A 321 -26.83 4.75 8.62
CA ASP A 321 -26.13 5.99 8.24
C ASP A 321 -24.63 5.84 8.51
N PRO A 322 -23.77 5.90 7.47
CA PRO A 322 -22.32 5.74 7.67
C PRO A 322 -21.65 6.73 8.64
N ILE A 323 -22.10 7.99 8.67
CA ILE A 323 -21.53 8.97 9.61
C ILE A 323 -21.91 8.71 11.08
N LYS A 324 -23.01 7.97 11.30
CA LYS A 324 -23.46 7.56 12.64
C LYS A 324 -22.94 6.19 13.09
N ARG A 325 -22.12 5.57 12.26
CA ARG A 325 -21.54 4.26 12.52
C ARG A 325 -20.29 4.43 13.39
N ILE A 326 -20.20 3.62 14.46
CA ILE A 326 -19.05 3.60 15.37
C ILE A 326 -17.74 3.28 14.63
N THR A 327 -16.62 3.87 15.06
CA THR A 327 -15.30 3.52 14.50
C THR A 327 -14.75 2.26 15.16
N SER A 328 -13.67 1.73 14.61
CA SER A 328 -13.01 0.54 15.18
C SER A 328 -12.39 0.83 16.56
N GLU A 329 -11.77 2.01 16.70
CA GLU A 329 -11.20 2.43 17.99
C GLU A 329 -12.27 2.47 19.08
N GLN A 330 -13.35 3.19 18.83
CA GLN A 330 -14.48 3.29 19.77
C GLN A 330 -15.12 1.92 20.10
N ALA A 331 -15.15 1.03 19.12
CA ALA A 331 -15.65 -0.34 19.34
C ALA A 331 -14.74 -1.15 20.27
N MET A 332 -13.43 -1.02 20.10
CA MET A 332 -12.45 -1.66 21.01
C MET A 332 -12.54 -1.16 22.46
N GLN A 333 -12.97 0.09 22.66
CA GLN A 333 -13.20 0.67 24.00
C GLN A 333 -14.56 0.29 24.65
N ASP A 334 -15.40 -0.48 23.94
CA ASP A 334 -16.76 -0.80 24.40
C ASP A 334 -16.73 -1.61 25.70
N PRO A 335 -17.69 -1.36 26.62
CA PRO A 335 -17.72 -2.16 27.86
C PRO A 335 -17.89 -3.68 27.68
N TYR A 336 -18.46 -4.11 26.54
CA TYR A 336 -18.50 -5.53 26.15
C TYR A 336 -17.18 -6.30 26.39
N PHE A 337 -16.06 -5.67 26.02
CA PHE A 337 -14.74 -6.29 26.18
C PHE A 337 -14.19 -6.26 27.63
N LEU A 338 -14.81 -5.45 28.49
CA LEU A 338 -14.56 -5.45 29.95
C LEU A 338 -15.43 -6.42 30.75
N GLU A 339 -16.53 -6.89 30.16
CA GLU A 339 -17.42 -7.87 30.79
C GLU A 339 -16.82 -9.29 30.75
N ASP A 340 -17.15 -10.09 31.75
CA ASP A 340 -16.74 -11.49 31.85
C ASP A 340 -17.50 -12.34 30.81
N PRO A 341 -16.79 -13.13 29.98
CA PRO A 341 -15.35 -13.42 29.92
C PRO A 341 -14.56 -12.41 29.10
N LEU A 342 -13.30 -12.20 29.44
CA LEU A 342 -12.43 -11.28 28.70
C LEU A 342 -11.89 -11.89 27.41
N PRO A 343 -11.53 -11.05 26.43
CA PRO A 343 -10.89 -11.58 25.23
C PRO A 343 -9.52 -12.19 25.53
N THR A 344 -9.17 -13.24 24.78
CA THR A 344 -7.88 -13.94 24.92
C THR A 344 -7.10 -13.84 23.62
N SER A 345 -5.77 -13.95 23.72
CA SER A 345 -4.87 -13.95 22.56
C SER A 345 -5.13 -15.14 21.65
N ASP A 346 -5.26 -16.30 22.29
CA ASP A 346 -5.68 -17.54 21.65
C ASP A 346 -7.20 -17.59 21.77
N VAL A 347 -7.89 -17.44 20.64
CA VAL A 347 -9.37 -17.45 20.62
C VAL A 347 -9.95 -18.79 21.11
N PHE A 348 -9.21 -19.88 20.84
CA PHE A 348 -9.59 -21.24 21.32
C PHE A 348 -9.37 -21.46 22.82
N ALA A 349 -8.70 -20.51 23.49
CA ALA A 349 -8.61 -20.45 24.96
C ALA A 349 -7.93 -21.68 25.59
N GLY A 350 -6.95 -22.23 24.90
CA GLY A 350 -6.26 -23.44 25.31
C GLY A 350 -7.00 -24.76 25.14
N CYS A 351 -8.23 -24.72 24.60
CA CYS A 351 -9.05 -25.92 24.39
C CYS A 351 -8.64 -26.58 23.08
N GLN A 352 -8.96 -27.86 22.95
CA GLN A 352 -8.70 -28.63 21.72
C GLN A 352 -9.44 -28.04 20.52
N ILE A 353 -8.81 -28.11 19.35
CA ILE A 353 -9.37 -27.60 18.10
C ILE A 353 -10.09 -28.74 17.37
N PRO A 354 -11.45 -28.70 17.30
CA PRO A 354 -12.20 -29.75 16.60
C PRO A 354 -12.25 -29.61 15.07
N TYR A 355 -11.90 -28.44 14.55
CA TYR A 355 -12.08 -28.10 13.12
C TYR A 355 -11.01 -28.82 12.28
N PRO A 356 -11.41 -29.41 11.15
CA PRO A 356 -10.45 -30.17 10.35
C PRO A 356 -9.45 -29.29 9.61
N LYS A 357 -8.34 -29.90 9.20
CA LYS A 357 -7.30 -29.23 8.43
C LYS A 357 -7.78 -28.90 7.01
N ARG A 358 -6.98 -28.12 6.30
CA ARG A 358 -7.25 -27.77 4.89
C ARG A 358 -7.00 -28.96 3.97
N GLU A 359 -8.01 -29.31 3.17
CA GLU A 359 -7.87 -30.36 2.15
C GLU A 359 -7.24 -29.77 0.89
N PHE A 360 -6.35 -30.53 0.26
CA PHE A 360 -5.65 -30.10 -0.95
C PHE A 360 -6.51 -30.33 -2.19
N LEU A 361 -6.30 -29.51 -3.22
CA LEU A 361 -7.04 -29.59 -4.48
C LEU A 361 -6.24 -30.36 -5.53
N ASP B 1 -6.20 11.16 -1.13
CA ASP B 1 -4.92 11.83 -1.59
C ASP B 1 -3.70 11.28 -0.82
N ASP B 2 -3.24 10.11 -1.25
CA ASP B 2 -1.91 9.57 -0.90
C ASP B 2 -1.60 9.46 0.61
N LYS B 3 -2.63 9.21 1.40
CA LYS B 3 -2.50 9.16 2.87
C LYS B 3 -1.95 7.82 3.41
N ALA B 4 -1.85 6.80 2.56
CA ALA B 4 -1.36 5.47 2.94
C ALA B 4 0.02 5.50 3.64
N MET B 5 0.06 4.96 4.86
CA MET B 5 1.27 4.87 5.70
C MET B 5 1.89 6.23 6.10
N ALA B 6 1.08 7.30 6.10
CA ALA B 6 1.59 8.67 6.28
C ALA B 6 2.33 8.93 7.61
N GLY B 7 1.81 8.38 8.69
CA GLY B 7 2.41 8.55 10.03
C GLY B 7 3.24 7.40 10.55
N ASN B 8 3.83 6.62 9.64
CA ASN B 8 4.62 5.42 9.97
C ASN B 8 6.11 5.50 9.61
N PHE B 9 6.62 6.70 9.32
CA PHE B 9 8.02 6.86 8.86
C PHE B 9 9.04 6.15 9.76
N TRP B 10 8.88 6.30 11.07
CA TRP B 10 9.86 5.76 12.03
C TRP B 10 9.89 4.24 12.14
N GLN B 11 8.87 3.56 11.62
CA GLN B 11 8.84 2.09 11.49
C GLN B 11 8.80 1.63 10.02
N SER B 12 9.08 2.53 9.08
CA SER B 12 9.00 2.26 7.65
C SER B 12 10.30 1.67 7.09
N SER B 13 10.21 1.09 5.90
CA SER B 13 11.38 0.58 5.17
C SER B 13 12.31 1.70 4.68
N HIS B 14 11.74 2.86 4.35
CA HIS B 14 12.50 4.05 3.96
C HIS B 14 13.55 4.35 5.03
N TYR B 15 13.09 4.52 6.26
CA TYR B 15 13.94 4.90 7.39
C TYR B 15 14.91 3.77 7.79
N LEU B 16 14.35 2.61 8.08
CA LEU B 16 15.12 1.46 8.56
C LEU B 16 16.12 0.86 7.57
N GLN B 17 15.88 1.03 6.27
CA GLN B 17 16.72 0.41 5.23
C GLN B 17 17.35 1.35 4.19
N TRP B 18 16.70 2.48 3.88
CA TRP B 18 17.14 3.38 2.79
C TRP B 18 17.55 4.80 3.24
N ILE B 19 17.88 4.95 4.52
CA ILE B 19 18.69 6.07 5.00
C ILE B 19 20.12 5.55 5.20
N LEU B 20 21.00 5.91 4.27
CA LEU B 20 22.35 5.34 4.17
C LEU B 20 23.41 6.18 4.87
N ASP B 21 24.52 5.53 5.24
CA ASP B 21 25.72 6.21 5.70
C ASP B 21 26.40 6.87 4.49
N LYS B 22 26.86 8.11 4.68
CA LYS B 22 27.51 8.88 3.60
C LYS B 22 28.82 8.22 3.13
N GLN B 23 29.58 7.65 4.06
CA GLN B 23 30.87 7.04 3.74
C GLN B 23 30.70 5.71 2.98
N ASP B 24 29.67 4.96 3.31
CA ASP B 24 29.27 3.75 2.56
C ASP B 24 28.82 4.06 1.13
N LEU B 25 28.16 5.21 0.96
CA LEU B 25 27.74 5.71 -0.35
C LEU B 25 28.95 6.07 -1.21
N LEU B 26 29.88 6.84 -0.63
CA LEU B 26 31.14 7.22 -1.29
C LEU B 26 32.04 6.04 -1.64
N LYS B 27 32.01 4.99 -0.82
CA LYS B 27 32.83 3.79 -1.05
C LYS B 27 32.38 3.03 -2.28
N GLU B 28 31.08 2.79 -2.39
CA GLU B 28 30.47 2.19 -3.59
C GLU B 28 30.60 3.04 -4.86
N ARG B 29 30.71 4.36 -4.69
CA ARG B 29 30.89 5.29 -5.81
C ARG B 29 32.28 5.25 -6.46
N GLN B 30 33.30 4.76 -5.74
CA GLN B 30 34.68 4.72 -6.25
C GLN B 30 34.89 3.93 -7.54
N LYS B 31 34.05 2.92 -7.77
CA LYS B 31 34.15 2.11 -9.00
C LYS B 31 33.80 2.91 -10.27
N ASP B 32 32.81 3.80 -10.16
CA ASP B 32 32.45 4.73 -11.24
C ASP B 32 33.35 5.97 -11.33
N LEU B 33 34.02 6.32 -10.23
CA LEU B 33 34.99 7.43 -10.23
C LEU B 33 36.32 7.12 -10.92
N LYS B 34 36.54 5.87 -11.31
CA LYS B 34 37.69 5.50 -12.16
C LYS B 34 37.56 6.02 -13.59
N PHE B 35 36.32 6.23 -14.04
CA PHE B 35 36.01 6.75 -15.39
C PHE B 35 35.63 8.23 -15.37
N LEU B 36 34.76 8.60 -14.44
CA LEU B 36 34.30 9.98 -14.24
C LEU B 36 34.94 10.63 -13.02
N SER B 37 35.06 11.96 -13.04
CA SER B 37 35.45 12.71 -11.84
C SER B 37 34.25 12.86 -10.90
N GLU B 38 34.53 13.25 -9.66
CA GLU B 38 33.49 13.57 -8.66
C GLU B 38 32.52 14.62 -9.17
N GLU B 39 33.06 15.62 -9.86
CA GLU B 39 32.30 16.72 -10.42
C GLU B 39 31.39 16.23 -11.56
N GLU B 40 31.98 15.47 -12.48
CA GLU B 40 31.26 14.87 -13.61
C GLU B 40 30.13 13.94 -13.15
N TYR B 41 30.38 13.16 -12.10
CA TYR B 41 29.36 12.27 -11.54
C TYR B 41 28.16 13.03 -10.98
N TRP B 42 28.40 14.10 -10.23
CA TRP B 42 27.31 14.93 -9.68
C TRP B 42 26.47 15.61 -10.78
N LYS B 43 27.13 15.97 -11.89
CA LYS B 43 26.46 16.54 -13.07
C LYS B 43 25.57 15.56 -13.83
N LEU B 44 26.01 14.30 -13.92
CA LEU B 44 25.18 13.21 -14.41
C LEU B 44 23.91 13.04 -13.57
N GLN B 45 24.05 13.12 -12.25
CA GLN B 45 22.90 13.01 -11.33
C GLN B 45 21.90 14.14 -11.54
N ILE B 46 22.41 15.35 -11.78
CA ILE B 46 21.56 16.50 -12.07
C ILE B 46 20.82 16.28 -13.40
N PHE B 47 21.57 15.83 -14.41
CA PHE B 47 21.04 15.65 -15.75
C PHE B 47 19.88 14.66 -15.80
N PHE B 48 20.08 13.49 -15.20
CA PHE B 48 19.05 12.45 -15.16
C PHE B 48 17.87 12.76 -14.25
N THR B 49 18.08 13.57 -13.22
CA THR B 49 16.99 14.14 -12.42
C THR B 49 16.04 14.98 -13.30
N ASN B 50 16.63 15.82 -14.17
CA ASN B 50 15.87 16.63 -15.12
C ASN B 50 15.16 15.80 -16.19
N VAL B 51 15.76 14.69 -16.60
CA VAL B 51 15.14 13.74 -17.54
C VAL B 51 13.88 13.10 -16.94
N ILE B 52 13.96 12.68 -15.68
CA ILE B 52 12.82 12.08 -14.96
C ILE B 52 11.72 13.12 -14.74
N GLN B 53 12.11 14.36 -14.44
CA GLN B 53 11.16 15.48 -14.31
C GLN B 53 10.41 15.71 -15.61
N ALA B 54 11.16 15.79 -16.70
CA ALA B 54 10.62 16.04 -18.05
C ALA B 54 9.66 14.95 -18.55
N LEU B 55 9.97 13.70 -18.25
CA LEU B 55 9.07 12.56 -18.49
C LEU B 55 7.78 12.66 -17.68
N GLY B 56 7.93 12.89 -16.39
CA GLY B 56 6.80 13.07 -15.49
C GLY B 56 5.83 14.18 -15.90
N GLU B 57 6.39 15.32 -16.30
CA GLU B 57 5.59 16.49 -16.73
C GLU B 57 4.82 16.19 -18.02
N HIS B 58 5.47 15.45 -18.92
CA HIS B 58 4.88 15.01 -20.17
C HIS B 58 3.69 14.06 -19.98
N LEU B 59 3.80 13.15 -19.01
CA LEU B 59 2.73 12.20 -18.68
C LEU B 59 1.65 12.74 -17.73
N LYS B 60 1.80 13.99 -17.27
CA LYS B 60 0.84 14.64 -16.37
C LYS B 60 0.72 13.88 -15.04
N LEU B 61 1.87 13.52 -14.49
CA LEU B 61 1.97 12.91 -13.16
C LEU B 61 2.19 14.02 -12.14
N ARG B 62 1.59 13.87 -10.96
CA ARG B 62 1.78 14.85 -9.87
C ARG B 62 3.20 14.72 -9.30
N GLN B 63 3.68 15.82 -8.73
CA GLN B 63 5.10 15.95 -8.32
C GLN B 63 5.60 14.83 -7.42
N GLN B 64 4.73 14.35 -6.54
CA GLN B 64 5.06 13.29 -5.59
C GLN B 64 5.43 11.98 -6.28
N VAL B 65 4.71 11.65 -7.37
CA VAL B 65 5.00 10.45 -8.17
C VAL B 65 6.37 10.57 -8.84
N ILE B 66 6.66 11.77 -9.36
CA ILE B 66 7.93 12.07 -10.02
C ILE B 66 9.10 11.92 -9.04
N ALA B 67 8.88 12.38 -7.79
CA ALA B 67 9.88 12.29 -6.72
C ALA B 67 10.21 10.85 -6.37
N THR B 68 9.18 10.06 -6.14
CA THR B 68 9.33 8.62 -5.87
C THR B 68 10.14 7.92 -6.95
N ALA B 69 9.87 8.25 -8.22
CA ALA B 69 10.64 7.72 -9.35
C ALA B 69 12.11 8.17 -9.29
N THR B 70 12.35 9.44 -8.96
CA THR B 70 13.72 9.95 -8.76
C THR B 70 14.48 9.17 -7.68
N VAL B 71 13.78 8.80 -6.61
CA VAL B 71 14.41 8.08 -5.48
C VAL B 71 14.77 6.65 -5.91
N TYR B 72 13.82 5.96 -6.54
CA TYR B 72 14.09 4.62 -7.12
C TYR B 72 15.36 4.57 -7.97
N PHE B 73 15.55 5.59 -8.80
CA PHE B 73 16.73 5.76 -9.66
C PHE B 73 17.99 5.91 -8.82
N LYS B 74 17.95 6.86 -7.88
CA LYS B 74 19.08 7.12 -6.97
C LYS B 74 19.50 5.90 -6.15
N ARG B 75 18.49 5.19 -5.64
CA ARG B 75 18.69 3.96 -4.89
C ARG B 75 19.37 2.87 -5.70
N PHE B 76 19.01 2.77 -6.99
CA PHE B 76 19.64 1.81 -7.88
C PHE B 76 21.12 2.07 -8.11
N TYR B 77 21.45 3.32 -8.45
CA TYR B 77 22.83 3.72 -8.72
C TYR B 77 23.65 4.07 -7.48
N ALA B 78 23.03 4.05 -6.31
CA ALA B 78 23.77 4.03 -5.04
C ALA B 78 24.47 2.68 -4.85
N ARG B 79 23.72 1.61 -5.11
CA ARG B 79 24.23 0.24 -5.01
C ARG B 79 25.11 -0.20 -6.18
N TYR B 80 24.67 0.08 -7.40
CA TYR B 80 25.32 -0.45 -8.61
C TYR B 80 25.95 0.62 -9.50
N SER B 81 26.77 0.14 -10.42
CA SER B 81 27.46 0.98 -11.37
C SER B 81 26.51 1.50 -12.44
N LEU B 82 26.93 2.58 -13.09
CA LEU B 82 26.21 3.12 -14.25
C LEU B 82 26.27 2.17 -15.46
N LYS B 83 27.30 1.35 -15.54
CA LYS B 83 27.44 0.36 -16.61
C LYS B 83 26.45 -0.82 -16.50
N SER B 84 25.93 -1.09 -15.31
CA SER B 84 25.11 -2.28 -15.04
C SER B 84 23.82 -2.32 -15.87
N ILE B 85 23.06 -1.23 -15.80
CA ILE B 85 21.90 -1.01 -16.68
C ILE B 85 22.00 0.43 -17.19
N ASP B 86 21.65 0.61 -18.46
CA ASP B 86 21.72 1.92 -19.12
C ASP B 86 20.75 2.89 -18.42
N PRO B 87 21.26 4.02 -17.88
CA PRO B 87 20.34 4.96 -17.20
C PRO B 87 19.26 5.59 -18.08
N VAL B 88 19.47 5.59 -19.41
CA VAL B 88 18.45 6.00 -20.38
C VAL B 88 17.24 5.04 -20.36
N LEU B 89 17.49 3.76 -20.08
CA LEU B 89 16.43 2.77 -19.90
C LEU B 89 15.81 2.82 -18.50
N MET B 90 16.65 3.02 -17.48
CA MET B 90 16.20 3.01 -16.09
C MET B 90 15.24 4.16 -15.75
N ALA B 91 15.53 5.36 -16.25
CA ALA B 91 14.72 6.55 -15.93
C ALA B 91 13.21 6.38 -16.23
N PRO B 92 12.84 6.02 -17.48
CA PRO B 92 11.42 5.75 -17.75
C PRO B 92 10.84 4.50 -17.06
N THR B 93 11.68 3.52 -16.72
CA THR B 93 11.24 2.36 -15.93
C THR B 93 10.88 2.76 -14.50
N CYS B 94 11.69 3.65 -13.91
CA CYS B 94 11.43 4.19 -12.57
C CYS B 94 10.11 4.97 -12.53
N VAL B 95 9.88 5.82 -13.54
CA VAL B 95 8.61 6.55 -13.70
C VAL B 95 7.40 5.61 -13.87
N PHE B 96 7.57 4.57 -14.68
CA PHE B 96 6.55 3.56 -14.93
C PHE B 96 6.15 2.80 -13.65
N LEU B 97 7.15 2.40 -12.88
CA LEU B 97 6.93 1.64 -11.64
C LEU B 97 6.31 2.50 -10.54
N ALA B 98 6.84 3.71 -10.39
CA ALA B 98 6.31 4.68 -9.44
C ALA B 98 4.82 4.98 -9.69
N SER B 99 4.46 5.14 -10.97
CA SER B 99 3.07 5.43 -11.35
C SER B 99 2.07 4.31 -10.99
N LYS B 100 2.54 3.07 -10.98
CA LYS B 100 1.73 1.91 -10.59
C LYS B 100 1.51 1.74 -9.08
N VAL B 101 2.29 2.45 -8.27
CA VAL B 101 2.08 2.48 -6.80
C VAL B 101 0.81 3.28 -6.45
N GLU B 102 0.42 4.21 -7.33
CA GLU B 102 -0.86 4.94 -7.20
C GLU B 102 -2.00 4.12 -7.81
N GLU B 103 -3.22 4.36 -7.32
CA GLU B 103 -4.45 3.77 -7.90
C GLU B 103 -5.36 4.77 -8.64
N PHE B 104 -5.02 6.06 -8.58
CA PHE B 104 -5.74 7.09 -9.32
C PHE B 104 -5.08 7.27 -10.69
N GLY B 105 -5.62 6.56 -11.68
CA GLY B 105 -5.13 6.62 -13.07
C GLY B 105 -3.93 5.73 -13.33
N VAL B 106 -3.88 5.17 -14.55
CA VAL B 106 -2.83 4.21 -14.97
C VAL B 106 -2.10 4.68 -16.24
N VAL B 107 -0.77 4.51 -16.24
CA VAL B 107 0.08 4.80 -17.42
C VAL B 107 0.18 3.55 -18.32
N SER B 108 -0.25 3.68 -19.58
CA SER B 108 -0.21 2.57 -20.53
C SER B 108 1.16 2.39 -21.17
N ASN B 109 1.37 1.20 -21.74
CA ASN B 109 2.65 0.81 -22.33
C ASN B 109 3.02 1.72 -23.50
N THR B 110 2.13 1.76 -24.47
CA THR B 110 2.24 2.63 -25.65
C THR B 110 2.43 4.13 -25.34
N ARG B 111 1.79 4.60 -24.27
CA ARG B 111 1.91 5.99 -23.81
C ARG B 111 3.30 6.27 -23.21
N LEU B 112 3.82 5.33 -22.43
CA LEU B 112 5.17 5.45 -21.85
C LEU B 112 6.26 5.57 -22.91
N ILE B 113 6.23 4.66 -23.88
CA ILE B 113 7.26 4.62 -24.95
C ILE B 113 7.19 5.89 -25.78
N ALA B 114 5.98 6.32 -26.11
CA ALA B 114 5.73 7.59 -26.79
C ALA B 114 6.30 8.81 -26.05
N ALA B 115 6.14 8.83 -24.73
CA ALA B 115 6.66 9.91 -23.88
C ALA B 115 8.19 9.94 -23.82
N ALA B 116 8.79 8.76 -23.64
CA ALA B 116 10.24 8.61 -23.62
C ALA B 116 10.89 9.08 -24.93
N THR B 117 10.34 8.59 -26.04
CA THR B 117 10.75 9.00 -27.39
C THR B 117 10.63 10.52 -27.62
N SER B 118 9.48 11.07 -27.22
CA SER B 118 9.17 12.47 -27.46
C SER B 118 10.00 13.44 -26.61
N VAL B 119 10.18 13.12 -25.33
CA VAL B 119 10.90 14.00 -24.40
C VAL B 119 12.40 14.08 -24.73
N LEU B 120 13.03 12.95 -25.00
CA LEU B 120 14.47 12.93 -25.34
C LEU B 120 14.77 13.62 -26.67
N LYS B 121 13.83 13.57 -27.61
CA LYS B 121 13.96 14.21 -28.92
C LYS B 121 13.75 15.74 -28.89
N THR B 122 12.73 16.20 -28.15
CA THR B 122 12.36 17.62 -28.10
C THR B 122 13.11 18.44 -27.05
N ARG B 123 13.39 17.84 -25.89
CA ARG B 123 14.01 18.55 -24.75
C ARG B 123 15.47 18.17 -24.42
N PHE B 124 15.98 17.06 -24.97
CA PHE B 124 17.33 16.56 -24.65
C PHE B 124 18.16 16.13 -25.87
N SER B 125 17.93 16.79 -27.02
CA SER B 125 18.69 16.49 -28.24
C SER B 125 20.15 16.94 -28.18
N TYR B 126 20.49 17.85 -27.26
CA TYR B 126 21.88 18.22 -27.01
C TYR B 126 22.75 17.07 -26.46
N ALA B 127 22.13 16.17 -25.70
CA ALA B 127 22.79 14.99 -25.13
C ALA B 127 22.72 13.77 -26.04
N PHE B 128 21.55 13.54 -26.64
CA PHE B 128 21.26 12.32 -27.38
C PHE B 128 21.02 12.64 -28.88
N PRO B 129 21.97 12.27 -29.75
CA PRO B 129 21.71 12.42 -31.20
C PRO B 129 20.68 11.42 -31.73
N LYS B 130 20.85 10.14 -31.38
CA LYS B 130 19.96 9.07 -31.84
C LYS B 130 18.68 9.00 -31.01
N GLU B 131 17.64 8.42 -31.61
CA GLU B 131 16.34 8.26 -30.97
C GLU B 131 16.36 7.18 -29.88
N PHE B 132 15.41 7.28 -28.95
CA PHE B 132 15.20 6.27 -27.88
C PHE B 132 15.14 4.87 -28.50
N PRO B 133 16.16 4.01 -28.24
CA PRO B 133 16.22 2.72 -28.93
C PRO B 133 15.43 1.57 -28.28
N TYR B 134 14.92 1.78 -27.06
CA TYR B 134 14.30 0.70 -26.29
C TYR B 134 12.79 0.61 -26.50
N ARG B 135 12.33 -0.62 -26.74
CA ARG B 135 10.91 -0.97 -26.78
C ARG B 135 10.40 -1.41 -25.39
N MET B 136 9.13 -1.77 -25.30
CA MET B 136 8.48 -2.05 -24.01
C MET B 136 8.98 -3.30 -23.30
N ASN B 137 9.35 -4.34 -24.06
CA ASN B 137 9.92 -5.55 -23.46
C ASN B 137 11.18 -5.28 -22.61
N HIS B 138 11.97 -4.28 -23.00
CA HIS B 138 13.14 -3.85 -22.20
C HIS B 138 12.76 -3.12 -20.92
N ILE B 139 11.68 -2.35 -20.96
CA ILE B 139 11.12 -1.71 -19.75
C ILE B 139 10.64 -2.78 -18.76
N LEU B 140 9.90 -3.76 -19.26
CA LEU B 140 9.37 -4.83 -18.42
C LEU B 140 10.45 -5.74 -17.83
N GLU B 141 11.58 -5.89 -18.52
CA GLU B 141 12.72 -6.64 -17.99
C GLU B 141 13.40 -5.83 -16.89
N CYS B 142 13.72 -4.58 -17.21
CA CYS B 142 14.35 -3.64 -16.29
C CYS B 142 13.57 -3.43 -14.98
N GLU B 143 12.24 -3.42 -15.07
CA GLU B 143 11.37 -3.28 -13.90
C GLU B 143 11.62 -4.39 -12.87
N PHE B 144 11.73 -5.62 -13.35
CA PHE B 144 12.05 -6.77 -12.49
C PHE B 144 13.39 -6.63 -11.75
N TYR B 145 14.42 -6.15 -12.46
CA TYR B 145 15.72 -5.90 -11.83
C TYR B 145 15.66 -4.77 -10.81
N LEU B 146 14.94 -3.71 -11.14
CA LEU B 146 14.78 -2.56 -10.24
C LEU B 146 14.08 -2.95 -8.94
N LEU B 147 12.94 -3.63 -9.08
CA LEU B 147 12.18 -4.11 -7.93
C LEU B 147 12.99 -5.05 -7.02
N GLU B 148 13.79 -5.92 -7.62
CA GLU B 148 14.64 -6.85 -6.86
C GLU B 148 15.71 -6.13 -6.04
N LEU B 149 16.35 -5.12 -6.62
CA LEU B 149 17.38 -4.38 -5.87
C LEU B 149 16.76 -3.66 -4.69
N MET B 150 15.68 -2.93 -4.94
CA MET B 150 15.05 -2.15 -3.86
C MET B 150 14.45 -3.00 -2.73
N ASP B 151 14.56 -4.33 -2.84
CA ASP B 151 14.06 -5.27 -1.84
C ASP B 151 12.54 -5.09 -1.68
N CYS B 152 11.90 -4.84 -2.81
CA CYS B 152 10.47 -4.49 -2.91
C CYS B 152 9.99 -3.29 -2.06
N CYS B 153 10.90 -2.35 -1.76
CA CYS B 153 10.58 -1.16 -0.96
C CYS B 153 10.08 -0.05 -1.86
N LEU B 154 8.76 0.13 -1.93
CA LEU B 154 8.10 1.01 -2.90
C LEU B 154 7.49 2.31 -2.34
N ILE B 155 7.04 2.30 -1.10
CA ILE B 155 6.51 3.50 -0.43
C ILE B 155 7.67 4.41 -0.04
N VAL B 156 7.70 5.61 -0.64
CA VAL B 156 8.73 6.62 -0.37
C VAL B 156 8.07 7.89 0.20
N TYR B 157 8.67 8.40 1.27
CA TYR B 157 8.27 9.63 1.96
C TYR B 157 9.08 10.79 1.40
N HIS B 158 8.46 11.96 1.28
CA HIS B 158 9.06 13.15 0.67
C HIS B 158 8.86 14.40 1.54
N PRO B 159 9.64 15.49 1.29
CA PRO B 159 9.52 16.68 2.15
C PRO B 159 8.28 17.58 1.92
N TYR B 160 7.47 17.30 0.90
CA TYR B 160 6.36 18.17 0.52
C TYR B 160 5.25 18.21 1.57
N ARG B 161 4.92 17.05 2.12
CA ARG B 161 3.88 16.94 3.17
C ARG B 161 4.26 17.64 4.49
N PRO B 162 5.46 17.37 5.04
CA PRO B 162 5.86 18.15 6.22
C PRO B 162 6.01 19.66 5.95
N LEU B 163 6.59 20.03 4.81
CA LEU B 163 6.72 21.44 4.40
C LEU B 163 5.37 22.16 4.47
N LEU B 164 4.36 21.55 3.86
CA LEU B 164 2.98 22.06 3.89
C LEU B 164 2.45 22.28 5.32
N GLN B 165 2.74 21.34 6.22
CA GLN B 165 2.39 21.49 7.65
C GLN B 165 3.16 22.62 8.35
N TYR B 166 4.44 22.80 8.00
CA TYR B 166 5.25 23.85 8.60
C TYR B 166 4.84 25.27 8.18
N VAL B 167 4.64 25.49 6.88
CA VAL B 167 4.23 26.82 6.38
C VAL B 167 2.84 27.25 6.87
N GLN B 168 1.93 26.28 6.97
CA GLN B 168 0.60 26.48 7.57
C GLN B 168 0.68 26.85 9.05
N ASP B 169 1.62 26.23 9.77
CA ASP B 169 1.92 26.55 11.17
C ASP B 169 2.50 27.97 11.37
N MET B 170 3.32 28.43 10.43
CA MET B 170 3.81 29.82 10.41
C MET B 170 2.70 30.83 10.14
N GLY B 171 1.79 30.46 9.25
CA GLY B 171 0.77 31.37 8.71
C GLY B 171 1.34 32.20 7.57
N GLN B 172 2.16 31.56 6.74
CA GLN B 172 2.93 32.22 5.68
C GLN B 172 2.92 31.36 4.41
N GLU B 173 1.73 30.92 4.01
CA GLU B 173 1.54 30.03 2.87
C GLU B 173 1.71 30.77 1.53
N ASP B 174 1.00 31.87 1.37
CA ASP B 174 1.11 32.71 0.17
C ASP B 174 2.53 33.27 0.00
N MET B 175 3.11 33.74 1.11
CA MET B 175 4.44 34.33 1.12
C MET B 175 5.53 33.31 0.77
N LEU B 176 5.59 32.21 1.52
CA LEU B 176 6.76 31.29 1.48
C LEU B 176 6.63 29.97 0.69
N LEU B 177 5.40 29.48 0.52
CA LEU B 177 5.21 28.10 0.02
C LEU B 177 5.71 27.84 -1.41
N PRO B 178 5.41 28.74 -2.37
CA PRO B 178 5.92 28.53 -3.74
C PRO B 178 7.45 28.40 -3.81
N LEU B 179 8.17 29.34 -3.18
CA LEU B 179 9.64 29.31 -3.19
C LEU B 179 10.19 28.08 -2.45
N ALA B 180 9.67 27.81 -1.26
CA ALA B 180 10.09 26.64 -0.47
C ALA B 180 9.88 25.32 -1.22
N TRP B 181 8.77 25.24 -1.95
CA TRP B 181 8.41 24.05 -2.75
C TRP B 181 9.38 23.82 -3.93
N ARG B 182 9.83 24.89 -4.59
CA ARG B 182 10.82 24.74 -5.67
C ARG B 182 12.20 24.35 -5.13
N ILE B 183 12.56 24.85 -3.95
CA ILE B 183 13.84 24.49 -3.32
C ILE B 183 13.82 22.99 -2.96
N VAL B 184 12.69 22.48 -2.46
CA VAL B 184 12.50 21.04 -2.24
C VAL B 184 12.70 20.26 -3.55
N ASN B 185 12.10 20.75 -4.65
CA ASN B 185 12.36 20.15 -5.98
C ASN B 185 13.85 20.10 -6.30
N ASP B 186 14.56 21.21 -6.07
CA ASP B 186 16.01 21.30 -6.33
C ASP B 186 16.87 20.34 -5.51
N THR B 187 16.43 20.00 -4.29
CA THR B 187 17.20 19.06 -3.45
C THR B 187 17.34 17.66 -4.04
N TYR B 188 16.45 17.29 -4.97
CA TYR B 188 16.59 16.02 -5.72
C TYR B 188 17.72 15.99 -6.75
N ARG B 189 18.30 17.15 -7.05
CA ARG B 189 19.58 17.21 -7.78
C ARG B 189 20.76 16.70 -6.95
N THR B 190 20.57 16.53 -5.63
CA THR B 190 21.61 16.08 -4.70
C THR B 190 21.29 14.70 -4.09
N ASP B 191 22.18 14.22 -3.22
CA ASP B 191 22.01 12.96 -2.47
C ASP B 191 21.15 13.09 -1.20
N LEU B 192 20.64 14.27 -0.89
CA LEU B 192 20.01 14.54 0.42
C LEU B 192 18.94 13.53 0.84
N CYS B 193 18.14 13.07 -0.13
CA CYS B 193 17.05 12.13 0.15
C CYS B 193 17.48 10.71 0.57
N LEU B 194 18.75 10.35 0.33
CA LEU B 194 19.34 9.09 0.82
C LEU B 194 20.00 9.21 2.20
N LEU B 195 20.28 10.44 2.64
CA LEU B 195 21.06 10.71 3.85
C LEU B 195 20.26 11.24 5.05
N TYR B 196 19.19 11.99 4.80
CA TYR B 196 18.40 12.62 5.87
C TYR B 196 16.90 12.29 5.79
N PRO B 197 16.20 12.25 6.95
CA PRO B 197 14.73 12.14 6.94
C PRO B 197 14.03 13.36 6.31
N PRO B 198 12.92 13.15 5.57
CA PRO B 198 12.27 14.22 4.81
C PRO B 198 11.92 15.51 5.56
N PHE B 199 11.39 15.38 6.77
CA PHE B 199 11.02 16.56 7.58
C PHE B 199 12.20 17.52 7.85
N MET B 200 13.41 16.96 7.97
CA MET B 200 14.65 17.77 8.10
C MET B 200 14.99 18.53 6.83
N ILE B 201 14.78 17.89 5.67
CA ILE B 201 15.01 18.53 4.37
C ILE B 201 14.02 19.69 4.17
N ALA B 202 12.77 19.47 4.57
CA ALA B 202 11.71 20.48 4.46
C ALA B 202 12.00 21.73 5.31
N LEU B 203 12.53 21.52 6.51
CA LEU B 203 12.92 22.62 7.39
C LEU B 203 14.06 23.45 6.81
N ALA B 204 15.05 22.76 6.22
CA ALA B 204 16.20 23.41 5.58
C ALA B 204 15.79 24.28 4.39
N CYS B 205 14.92 23.72 3.54
CA CYS B 205 14.34 24.45 2.41
C CYS B 205 13.53 25.67 2.85
N LEU B 206 12.78 25.50 3.93
CA LEU B 206 11.98 26.59 4.50
C LEU B 206 12.85 27.70 5.13
N HIS B 207 13.99 27.32 5.71
CA HIS B 207 14.98 28.29 6.20
C HIS B 207 15.55 29.12 5.05
N VAL B 208 15.97 28.46 3.97
CA VAL B 208 16.57 29.13 2.81
C VAL B 208 15.57 30.10 2.18
N ALA B 209 14.32 29.67 2.06
CA ALA B 209 13.23 30.50 1.53
C ALA B 209 12.98 31.76 2.37
N CYS B 210 13.10 31.63 3.69
CA CYS B 210 13.01 32.77 4.61
C CYS B 210 14.19 33.74 4.47
N VAL B 211 15.40 33.21 4.26
CA VAL B 211 16.60 34.03 4.03
C VAL B 211 16.49 34.81 2.71
N VAL B 212 16.09 34.11 1.65
CA VAL B 212 15.93 34.69 0.31
C VAL B 212 14.93 35.85 0.32
N GLN B 213 13.77 35.65 0.95
CA GLN B 213 12.70 36.67 1.02
C GLN B 213 12.80 37.63 2.20
N GLN B 214 13.85 37.52 3.02
CA GLN B 214 14.13 38.43 4.14
C GLN B 214 13.00 38.45 5.18
N LYS B 215 12.60 37.25 5.59
CA LYS B 215 11.55 37.06 6.60
C LYS B 215 12.19 36.52 7.88
N ASP B 216 12.06 37.29 8.96
CA ASP B 216 12.56 36.89 10.28
C ASP B 216 11.65 35.81 10.85
N ALA B 217 12.18 34.60 10.96
CA ALA B 217 11.50 33.45 11.56
C ALA B 217 12.38 32.70 12.56
N ARG B 218 13.38 33.39 13.12
CA ARG B 218 14.33 32.79 14.08
C ARG B 218 13.63 32.25 15.34
N GLN B 219 12.61 32.96 15.81
CA GLN B 219 11.83 32.54 16.99
C GLN B 219 11.01 31.28 16.70
N TRP B 220 10.42 31.20 15.51
CA TRP B 220 9.67 30.01 15.10
C TRP B 220 10.56 28.76 15.01
N PHE B 221 11.72 28.91 14.40
CA PHE B 221 12.73 27.83 14.34
C PHE B 221 13.29 27.46 15.72
N ALA B 222 13.39 28.45 16.61
CA ALA B 222 13.79 28.22 18.00
C ALA B 222 12.76 27.39 18.79
N GLU B 223 11.47 27.63 18.52
CA GLU B 223 10.37 26.87 19.16
C GLU B 223 10.32 25.37 18.81
N LEU B 224 10.97 24.97 17.72
CA LEU B 224 11.04 23.55 17.34
C LEU B 224 12.04 22.78 18.19
N SER B 225 11.77 21.48 18.38
CA SER B 225 12.68 20.56 19.05
C SER B 225 13.32 19.63 18.01
N VAL B 226 14.42 20.10 17.42
CA VAL B 226 15.13 19.37 16.36
C VAL B 226 16.62 19.68 16.42
N ASP B 227 17.45 18.74 15.95
CA ASP B 227 18.90 18.92 15.86
C ASP B 227 19.22 19.97 14.78
N MET B 228 19.56 21.18 15.22
CA MET B 228 19.80 22.30 14.30
C MET B 228 21.11 22.20 13.52
N GLU B 229 22.08 21.45 14.04
CA GLU B 229 23.34 21.22 13.33
C GLU B 229 23.15 20.32 12.10
N LYS B 230 22.22 19.38 12.19
CA LYS B 230 21.80 18.55 11.06
C LYS B 230 21.11 19.36 9.95
N ILE B 231 20.35 20.39 10.33
CA ILE B 231 19.69 21.27 9.35
C ILE B 231 20.73 22.17 8.66
N LEU B 232 21.64 22.76 9.44
CA LEU B 232 22.72 23.59 8.88
C LEU B 232 23.58 22.80 7.88
N GLU B 233 23.79 21.51 8.14
CA GLU B 233 24.44 20.61 7.18
C GLU B 233 23.68 20.54 5.85
N ILE B 234 22.36 20.37 5.93
CA ILE B 234 21.49 20.35 4.74
C ILE B 234 21.47 21.70 4.02
N ILE B 235 21.39 22.79 4.78
CA ILE B 235 21.42 24.14 4.22
C ILE B 235 22.67 24.37 3.38
N ARG B 236 23.83 23.97 3.92
CA ARG B 236 25.12 24.12 3.20
C ARG B 236 25.18 23.33 1.89
N VAL B 237 24.55 22.15 1.85
CA VAL B 237 24.39 21.38 0.61
C VAL B 237 23.50 22.10 -0.42
N ILE B 238 22.43 22.74 0.05
CA ILE B 238 21.53 23.51 -0.83
C ILE B 238 22.23 24.74 -1.40
N LEU B 239 22.94 25.48 -0.55
CA LEU B 239 23.73 26.63 -1.01
C LEU B 239 24.84 26.22 -1.97
N LYS B 240 25.44 25.06 -1.73
CA LYS B 240 26.47 24.52 -2.62
C LYS B 240 25.89 24.18 -3.99
N LEU B 241 24.70 23.60 -3.99
CA LEU B 241 23.98 23.25 -5.23
C LEU B 241 23.77 24.44 -6.17
N TYR B 242 23.36 25.58 -5.64
CA TYR B 242 23.14 26.78 -6.45
C TYR B 242 24.43 27.39 -7.02
N GLU B 243 25.57 27.15 -6.36
CA GLU B 243 26.87 27.53 -6.90
C GLU B 243 27.36 26.54 -7.98
N GLN B 244 27.00 25.27 -7.82
CA GLN B 244 27.22 24.25 -8.86
C GLN B 244 26.39 24.57 -10.10
N TRP B 245 25.10 24.83 -9.88
CA TRP B 245 24.12 25.25 -10.92
C TRP B 245 24.64 26.41 -11.78
N LYS B 246 25.08 27.46 -11.11
CA LYS B 246 25.69 28.63 -11.75
C LYS B 246 26.84 28.26 -12.69
N ASN B 247 27.76 27.44 -12.19
CA ASN B 247 28.98 27.09 -12.93
C ASN B 247 28.86 25.91 -13.91
N PHE B 248 27.70 25.27 -13.93
CA PHE B 248 27.44 24.09 -14.76
C PHE B 248 26.62 24.51 -15.99
N ASP B 249 27.17 24.28 -17.18
CA ASP B 249 26.37 24.38 -18.42
C ASP B 249 26.05 22.97 -18.91
N GLU B 250 24.93 22.47 -18.43
CA GLU B 250 24.36 21.17 -18.78
C GLU B 250 24.34 20.91 -20.28
N ARG B 251 23.83 21.90 -21.02
N ARG B 251 23.83 21.90 -21.02
CA ARG B 251 23.66 21.79 -22.47
CA ARG B 251 23.65 21.79 -22.47
C ARG B 251 24.96 21.68 -23.26
C ARG B 251 24.95 21.69 -23.26
N LYS B 252 25.98 22.42 -22.81
CA LYS B 252 27.31 22.37 -23.44
C LYS B 252 28.12 21.11 -23.07
N GLU B 253 27.91 20.56 -21.88
CA GLU B 253 28.82 19.56 -21.28
C GLU B 253 28.33 18.10 -21.29
N MET B 254 27.03 17.86 -21.39
CA MET B 254 26.46 16.53 -21.10
C MET B 254 26.73 15.44 -22.14
N ALA B 255 26.98 15.83 -23.39
CA ALA B 255 27.35 14.86 -24.44
C ALA B 255 28.70 14.20 -24.14
N THR B 256 29.69 15.03 -23.81
CA THR B 256 31.04 14.56 -23.47
C THR B 256 31.06 13.70 -22.21
N ILE B 257 30.33 14.14 -21.18
CA ILE B 257 30.26 13.40 -19.91
C ILE B 257 29.58 12.04 -20.12
N LEU B 258 28.51 12.01 -20.91
CA LEU B 258 27.81 10.76 -21.24
C LEU B 258 28.65 9.74 -22.04
N SER B 259 29.62 10.23 -22.82
CA SER B 259 30.58 9.36 -23.50
C SER B 259 31.68 8.80 -22.58
N LYS B 260 31.98 9.52 -21.49
CA LYS B 260 32.92 9.05 -20.46
C LYS B 260 32.34 8.01 -19.48
N MET B 261 31.01 7.85 -19.46
CA MET B 261 30.36 6.80 -18.64
C MET B 261 30.88 5.42 -19.01
N PRO B 262 31.11 4.54 -18.01
CA PRO B 262 31.45 3.16 -18.36
C PRO B 262 30.26 2.45 -19.01
N LYS B 263 30.55 1.63 -20.01
CA LYS B 263 29.53 1.02 -20.87
C LYS B 263 29.26 -0.45 -20.47
N PRO B 264 28.01 -0.92 -20.63
CA PRO B 264 27.72 -2.34 -20.40
C PRO B 264 28.42 -3.24 -21.40
N LYS B 265 29.18 -4.21 -20.92
CA LYS B 265 29.88 -5.16 -21.79
C LYS B 265 28.91 -6.23 -22.30
N PRO B 266 29.04 -6.62 -23.59
CA PRO B 266 28.13 -7.62 -24.17
C PRO B 266 28.50 -9.05 -23.76
N PRO B 267 27.62 -10.03 -24.04
CA PRO B 267 27.94 -11.44 -23.75
C PRO B 267 29.06 -12.01 -24.61
N PRO B 268 29.66 -13.15 -24.19
CA PRO B 268 30.78 -13.74 -24.95
C PRO B 268 30.36 -14.42 -26.25
C2 6A6 C . -8.67 -20.77 1.57
C3 6A6 C . -7.61 -20.42 0.73
C4 6A6 C . -7.04 -19.16 0.79
C5 6A6 C . -7.53 -18.20 1.68
C6 6A6 C . -8.59 -18.57 2.51
C7 6A6 C . -9.16 -19.84 2.45
C8 6A6 C . -6.91 -16.80 1.76
C11 6A6 C . -7.86 -14.56 1.17
C12 6A6 C . -8.03 -14.98 -0.30
C15 6A6 C . -4.77 -16.20 0.49
C17 6A6 C . -3.86 -16.48 1.63
C18 6A6 C . -3.99 -17.69 2.30
C19 6A6 C . -3.20 -18.00 3.38
C21 6A6 C . -2.04 -15.88 3.10
F1 6A6 C . -9.23 -21.99 1.51
C10 6A6 C . -8.01 -15.76 2.07
C13 6A6 C . -6.98 -16.06 -0.64
N14 6A6 C . -6.14 -16.37 0.55
O16 6A6 C . -4.23 -15.81 -0.54
C20 6A6 C . -2.19 -17.10 3.80
C22 6A6 C . -2.85 -15.58 2.05
N23 6A6 C . -1.59 -17.71 4.87
N24 6A6 C . -2.20 -18.95 5.12
C25 6A6 C . -3.15 -19.17 4.24
N26 6A6 C . -3.99 -20.27 4.15
C FMT D . -2.78 -11.73 1.38
O1 FMT D . -3.84 -12.33 1.31
O2 FMT D . -2.80 -10.39 1.46
C FMT E . 11.70 -9.31 -0.18
O1 FMT E . 11.71 -10.53 -0.30
O2 FMT E . 11.24 -8.78 0.93
C FMT F . 19.40 11.13 -10.23
O1 FMT F . 18.24 11.28 -9.89
O2 FMT F . 20.38 11.52 -9.41
C FMT G . 11.80 15.62 -8.17
O1 FMT G . 10.76 15.67 -7.53
O2 FMT G . 12.06 16.51 -9.12
C FMT H . 3.71 8.18 1.97
O1 FMT H . 3.30 7.99 3.11
O2 FMT H . 2.87 8.02 0.95
#